data_3NK2
#
_entry.id   3NK2
#
_cell.length_a   164.162
_cell.length_b   164.162
_cell.length_c   164.162
_cell.angle_alpha   90.00
_cell.angle_beta   90.00
_cell.angle_gamma   90.00
#
_symmetry.space_group_name_H-M   'P 4 3 2'
#
loop_
_entity.id
_entity.type
_entity.pdbx_description
1 polymer '6-hydroxy-L-nicotine oxidase'
2 non-polymer L-DOPAMINE
3 non-polymer 'FLAVIN-ADENINE DINUCLEOTIDE'
4 non-polymer '(1R)-2-{[(S)-(2-aminoethoxy)(hydroxy)phosphoryl]oxy}-1-[(pentadecanoyloxy)methyl]ethyl (12E)-hexadeca-9,12-dienoate'
5 water water
#
_entity_poly.entity_id   1
_entity_poly.type   'polypeptide(L)'
_entity_poly.pdbx_seq_one_letter_code
;MYDAIVVGGGFSGLKAARDLTNAGKKVLLLEGGERLGGRAYSRESRNVPGLRVEIGGAYLHRKHHPRLAAELDRYGIPTA
AASEFTSFRHRLGPTAVDQAFPIPGSEAVAVEAATYTLLRDAHRIDLEKGLENQDLEDLDIPLNEYVDKLDLPPVSRQFL
LAWAWNMLGQPADQASALWMLQLVAAHHYSILGVVLSLDEVFSNGSADLVDAMSQEIPEIRLQTVVTGIDQSGDVVNVTV
KDGHAFQAHSVIVATPMNTWRRIVFTPALPERRRSVIEEGHGGQGLKILIHVRGAEAGIECVGDGIFPTLYDYCEVSESE
RLLVAFTDSGSFDPTDIGAVKDAVLYYLPEVEVLGIDYHDWIADPLFEGPWVAPRVGQFSRVHKELGEPAGRIHFVGSDV
SLEFPGYIEGALETAECAVNAILHSHHHHHH
;
_entity_poly.pdbx_strand_id   X
#
loop_
_chem_comp.id
_chem_comp.type
_chem_comp.name
_chem_comp.formula
FAD non-polymer 'FLAVIN-ADENINE DINUCLEOTIDE' 'C27 H33 N9 O15 P2'
GP7 non-polymer '(1R)-2-{[(S)-(2-aminoethoxy)(hydroxy)phosphoryl]oxy}-1-[(pentadecanoyloxy)methyl]ethyl (12E)-hexadeca-9,12-dienoate' 'C36 H68 N O8 P'
LDP non-polymer L-DOPAMINE 'C8 H11 N O2'
#
# COMPACT_ATOMS: atom_id res chain seq x y z
N MET A 1 7.14 -3.40 -32.72
CA MET A 1 7.34 -4.61 -31.87
C MET A 1 8.49 -4.44 -30.88
N TYR A 2 8.25 -4.84 -29.64
CA TYR A 2 9.19 -4.60 -28.57
C TYR A 2 9.63 -5.90 -27.94
N ASP A 3 10.75 -5.87 -27.24
CA ASP A 3 11.17 -7.02 -26.45
C ASP A 3 10.19 -7.18 -25.31
N ALA A 4 9.73 -6.06 -24.76
CA ALA A 4 8.75 -6.07 -23.66
C ALA A 4 7.87 -4.83 -23.64
N ILE A 5 6.60 -5.06 -23.32
CA ILE A 5 5.66 -3.99 -23.01
C ILE A 5 5.35 -4.02 -21.51
N VAL A 6 5.60 -2.89 -20.86
CA VAL A 6 5.28 -2.76 -19.46
C VAL A 6 3.98 -1.97 -19.33
N VAL A 7 2.99 -2.59 -18.72
CA VAL A 7 1.68 -1.99 -18.55
C VAL A 7 1.54 -1.47 -17.13
N GLY A 8 1.60 -0.15 -16.97
CA GLY A 8 1.49 0.49 -15.65
C GLY A 8 2.76 1.23 -15.28
N GLY A 9 2.61 2.50 -14.91
CA GLY A 9 3.73 3.38 -14.57
C GLY A 9 3.87 3.81 -13.11
N GLY A 10 3.49 2.93 -12.19
CA GLY A 10 3.86 3.09 -10.78
C GLY A 10 5.31 2.67 -10.62
N PHE A 11 5.74 2.43 -9.38
CA PHE A 11 7.15 2.11 -9.14
C PHE A 11 7.59 0.78 -9.75
N SER A 12 6.66 -0.18 -9.74
CA SER A 12 6.89 -1.50 -10.26
C SER A 12 7.26 -1.43 -11.75
N GLY A 13 6.37 -0.83 -12.53
CA GLY A 13 6.54 -0.74 -13.97
C GLY A 13 7.76 0.09 -14.32
N LEU A 14 7.94 1.17 -13.58
CA LEU A 14 9.04 2.09 -13.82
C LEU A 14 10.39 1.41 -13.66
N LYS A 15 10.54 0.62 -12.59
CA LYS A 15 11.77 -0.10 -12.37
C LYS A 15 11.95 -1.16 -13.45
N ALA A 16 10.90 -1.91 -13.74
CA ALA A 16 10.96 -2.98 -14.73
C ALA A 16 11.42 -2.43 -16.07
N ALA A 17 10.69 -1.40 -16.53
CA ALA A 17 10.95 -0.79 -17.82
C ALA A 17 12.36 -0.20 -17.89
N ARG A 18 12.86 0.33 -16.78
CA ARG A 18 14.20 0.92 -16.77
C ARG A 18 15.30 -0.15 -16.79
N ASP A 19 15.10 -1.19 -15.99
CA ASP A 19 16.13 -2.19 -15.83
C ASP A 19 16.24 -3.02 -17.10
N LEU A 20 15.09 -3.40 -17.64
CA LEU A 20 15.07 -4.04 -18.94
C LEU A 20 15.74 -3.17 -20.01
N THR A 21 15.45 -1.87 -19.99
CA THR A 21 16.12 -0.96 -20.92
C THR A 21 17.63 -1.03 -20.75
N ASN A 22 18.11 -0.82 -19.54
CA ASN A 22 19.55 -0.76 -19.29
C ASN A 22 20.24 -2.10 -19.58
N ALA A 23 19.46 -3.16 -19.64
CA ALA A 23 19.99 -4.47 -20.00
C ALA A 23 20.10 -4.63 -21.51
N GLY A 24 19.67 -3.60 -22.24
CA GLY A 24 19.76 -3.59 -23.69
C GLY A 24 18.49 -4.01 -24.43
N LYS A 25 17.38 -4.18 -23.70
CA LYS A 25 16.12 -4.61 -24.32
C LYS A 25 15.38 -3.43 -24.94
N LYS A 26 14.46 -3.71 -25.85
CA LYS A 26 13.67 -2.65 -26.47
C LYS A 26 12.30 -2.63 -25.77
N VAL A 27 12.05 -1.58 -25.01
CA VAL A 27 10.93 -1.56 -24.07
C VAL A 27 9.96 -0.42 -24.31
N LEU A 28 8.67 -0.73 -24.23
CA LEU A 28 7.63 0.28 -24.28
C LEU A 28 6.83 0.31 -22.98
N LEU A 29 6.75 1.48 -22.35
CA LEU A 29 5.97 1.64 -21.13
C LEU A 29 4.62 2.29 -21.43
N LEU A 30 3.54 1.58 -21.12
CA LEU A 30 2.19 2.08 -21.31
C LEU A 30 1.52 2.42 -19.99
N GLU A 31 1.19 3.71 -19.82
CA GLU A 31 0.55 4.23 -18.63
C GLU A 31 -0.83 4.77 -18.99
N GLY A 32 -1.85 4.31 -18.27
CA GLY A 32 -3.24 4.67 -18.53
C GLY A 32 -3.58 6.09 -18.13
N GLY A 33 -2.93 6.61 -17.11
CA GLY A 33 -3.26 7.93 -16.58
C GLY A 33 -2.49 9.05 -17.25
N GLU A 34 -2.49 10.22 -16.62
CA GLU A 34 -1.84 11.42 -17.16
C GLU A 34 -0.58 11.76 -16.39
N ARG A 35 -0.21 10.87 -15.47
CA ARG A 35 0.97 11.05 -14.62
C ARG A 35 1.64 9.70 -14.36
N LEU A 36 2.88 9.75 -13.92
CA LEU A 36 3.55 8.54 -13.48
C LEU A 36 3.57 8.53 -11.96
N GLY A 37 3.76 7.35 -11.37
CA GLY A 37 3.85 7.19 -9.92
C GLY A 37 2.80 6.27 -9.32
N GLY A 38 1.64 6.21 -9.96
CA GLY A 38 0.53 5.40 -9.47
C GLY A 38 0.08 5.83 -8.07
N ARG A 39 0.12 4.87 -7.14
CA ARG A 39 -0.30 5.10 -5.76
C ARG A 39 0.73 5.91 -4.95
N ALA A 40 1.85 6.24 -5.58
CA ALA A 40 2.76 7.24 -5.03
C ALA A 40 2.43 8.55 -5.73
N TYR A 41 1.62 9.37 -5.07
CA TYR A 41 0.98 10.52 -5.70
C TYR A 41 1.20 11.78 -4.87
N SER A 42 2.23 12.54 -5.22
CA SER A 42 2.38 13.90 -4.68
C SER A 42 1.79 14.96 -5.60
N ARG A 43 1.17 15.97 -5.00
CA ARG A 43 0.52 17.06 -5.72
C ARG A 43 0.26 18.22 -4.78
N GLU A 44 -0.29 19.29 -5.33
CA GLU A 44 -0.67 20.45 -4.54
C GLU A 44 -1.88 20.10 -3.65
N SER A 45 -1.84 20.60 -2.42
CA SER A 45 -2.95 20.46 -1.48
C SER A 45 -4.21 21.14 -1.99
N ARG A 46 -5.35 20.50 -1.79
CA ARG A 46 -6.65 21.09 -2.10
C ARG A 46 -7.05 22.18 -1.09
N ASN A 47 -6.39 22.18 0.06
CA ASN A 47 -6.77 23.07 1.15
C ASN A 47 -5.84 24.25 1.24
N VAL A 48 -4.55 23.98 1.02
CA VAL A 48 -3.50 24.99 1.17
C VAL A 48 -2.79 25.25 -0.17
N PRO A 49 -3.25 26.29 -0.90
CA PRO A 49 -2.61 26.66 -2.16
C PRO A 49 -1.11 26.79 -1.99
N GLY A 50 -0.36 26.09 -2.84
CA GLY A 50 1.10 26.16 -2.88
C GLY A 50 1.80 25.06 -2.11
N LEU A 51 1.01 24.26 -1.38
CA LEU A 51 1.59 23.22 -0.53
C LEU A 51 1.56 21.83 -1.16
N ARG A 52 2.72 21.20 -1.19
CA ARG A 52 2.90 19.90 -1.83
C ARG A 52 2.68 18.76 -0.85
N VAL A 53 1.72 17.89 -1.14
CA VAL A 53 1.37 16.84 -0.21
C VAL A 53 1.43 15.44 -0.82
N GLU A 54 1.81 14.46 0.00
CA GLU A 54 1.72 13.07 -0.38
C GLU A 54 0.29 12.57 -0.15
N ILE A 55 -0.42 12.26 -1.21
CA ILE A 55 -1.80 11.81 -1.07
C ILE A 55 -1.92 10.28 -1.04
N GLY A 56 -0.79 9.59 -1.15
CA GLY A 56 -0.72 8.14 -1.05
C GLY A 56 0.55 7.74 -0.33
N GLY A 57 1.30 6.82 -0.95
CA GLY A 57 2.56 6.33 -0.40
C GLY A 57 3.55 7.40 -0.04
N ALA A 58 3.92 7.47 1.24
CA ALA A 58 4.84 8.52 1.72
C ALA A 58 6.08 8.01 2.45
N TYR A 59 5.90 7.02 3.33
CA TYR A 59 6.93 6.66 4.32
C TYR A 59 7.80 5.46 3.91
N LEU A 60 9.03 5.43 4.43
CA LEU A 60 9.90 4.30 4.23
C LEU A 60 10.75 4.07 5.47
N HIS A 61 11.49 2.96 5.46
CA HIS A 61 12.45 2.65 6.48
C HIS A 61 13.59 1.90 5.82
N ARG A 62 14.76 2.54 5.79
CA ARG A 62 15.94 2.00 5.12
C ARG A 62 16.36 0.57 5.51
N LYS A 63 16.15 0.17 6.75
CA LYS A 63 16.53 -1.17 7.20
C LYS A 63 15.62 -2.24 6.59
N HIS A 64 14.33 -1.92 6.50
CA HIS A 64 13.31 -2.85 6.01
C HIS A 64 13.17 -2.76 4.49
N HIS A 65 13.62 -1.66 3.90
CA HIS A 65 13.42 -1.41 2.47
C HIS A 65 14.73 -1.14 1.72
N PRO A 66 15.59 -2.16 1.60
CA PRO A 66 16.90 -1.94 0.96
C PRO A 66 16.83 -1.53 -0.50
N ARG A 67 15.83 -2.01 -1.24
CA ARG A 67 15.76 -1.68 -2.65
C ARG A 67 15.44 -0.21 -2.82
N LEU A 68 14.40 0.24 -2.13
CA LEU A 68 14.07 1.67 -2.07
C LEU A 68 15.26 2.52 -1.66
N ALA A 69 15.99 2.07 -0.64
CA ALA A 69 17.11 2.83 -0.15
C ALA A 69 18.11 3.02 -1.28
N ALA A 70 18.36 1.95 -2.04
CA ALA A 70 19.33 2.00 -3.13
C ALA A 70 18.86 2.91 -4.25
N GLU A 71 17.55 2.93 -4.52
CA GLU A 71 17.02 3.91 -5.45
C GLU A 71 17.37 5.31 -4.97
N LEU A 72 17.03 5.64 -3.74
CA LEU A 72 17.33 6.96 -3.20
C LEU A 72 18.81 7.32 -3.28
N ASP A 73 19.67 6.35 -2.98
CA ASP A 73 21.12 6.55 -3.07
C ASP A 73 21.60 6.77 -4.51
N ARG A 74 21.07 5.97 -5.42
CA ARG A 74 21.36 6.05 -6.85
C ARG A 74 21.17 7.46 -7.42
N TYR A 75 20.04 8.08 -7.08
CA TYR A 75 19.70 9.39 -7.63
C TYR A 75 19.95 10.58 -6.69
N GLY A 76 20.51 10.31 -5.52
CA GLY A 76 20.77 11.35 -4.54
C GLY A 76 19.50 12.05 -4.07
N ILE A 77 18.42 11.29 -3.95
CA ILE A 77 17.14 11.83 -3.50
C ILE A 77 17.14 12.04 -1.99
N PRO A 78 16.92 13.29 -1.55
CA PRO A 78 16.99 13.58 -0.13
C PRO A 78 15.78 13.08 0.63
N THR A 79 16.05 12.55 1.81
CA THR A 79 15.01 12.12 2.73
C THR A 79 15.15 12.79 4.09
N ALA A 80 14.01 13.15 4.65
CA ALA A 80 13.93 13.68 6.00
C ALA A 80 13.26 12.64 6.90
N ALA A 81 13.70 12.54 8.16
CA ALA A 81 13.03 11.73 9.18
C ALA A 81 11.60 12.27 9.41
N ALA A 82 10.63 11.37 9.47
CA ALA A 82 9.20 11.77 9.49
C ALA A 82 8.84 12.51 10.78
N SER A 83 7.74 13.28 10.72
CA SER A 83 7.27 14.12 11.84
C SER A 83 7.33 13.39 13.20
N GLU A 84 8.20 13.89 14.09
CA GLU A 84 8.35 13.33 15.43
C GLU A 84 7.16 13.69 16.34
N PHE A 85 6.84 12.80 17.28
CA PHE A 85 5.68 12.97 18.16
C PHE A 85 6.07 13.31 19.59
N THR A 86 5.74 14.53 20.01
CA THR A 86 6.04 15.02 21.36
C THR A 86 4.82 15.03 22.28
N SER A 87 3.63 14.95 21.69
CA SER A 87 2.38 15.10 22.41
C SER A 87 1.46 13.90 22.15
N PHE A 88 0.94 13.28 23.20
CA PHE A 88 0.12 12.08 23.02
C PHE A 88 -1.28 12.24 23.57
N ARG A 89 -2.27 12.04 22.71
CA ARG A 89 -3.65 12.33 23.08
C ARG A 89 -4.56 11.14 22.78
N HIS A 90 -4.27 10.02 23.43
CA HIS A 90 -4.94 8.76 23.13
C HIS A 90 -6.36 8.68 23.66
N ARG A 91 -7.16 7.84 23.02
CA ARG A 91 -8.45 7.46 23.55
C ARG A 91 -8.46 5.95 23.82
N LEU A 92 -7.74 5.56 24.86
CA LEU A 92 -7.55 4.16 25.17
C LEU A 92 -8.02 3.82 26.58
N GLY A 93 -8.81 4.70 27.18
CA GLY A 93 -9.33 4.48 28.52
C GLY A 93 -8.47 5.15 29.59
N PRO A 94 -8.98 5.20 30.82
CA PRO A 94 -8.34 5.95 31.90
C PRO A 94 -7.01 5.39 32.42
N THR A 95 -6.73 4.11 32.16
CA THR A 95 -5.45 3.50 32.62
C THR A 95 -4.28 3.65 31.65
N ALA A 96 -4.55 4.12 30.43
CA ALA A 96 -3.50 4.30 29.43
C ALA A 96 -2.54 5.38 29.86
N VAL A 97 -1.29 5.29 29.45
CA VAL A 97 -0.35 6.37 29.72
C VAL A 97 -0.13 7.20 28.46
N ASP A 98 -0.07 8.52 28.63
CA ASP A 98 0.07 9.38 27.48
C ASP A 98 1.53 9.47 27.01
N GLN A 99 1.97 8.38 26.39
CA GLN A 99 3.23 8.33 25.67
C GLN A 99 3.08 7.41 24.45
N ALA A 100 4.12 7.29 23.64
CA ALA A 100 4.05 6.53 22.38
C ALA A 100 3.68 5.07 22.60
N PHE A 101 4.16 4.50 23.71
CA PHE A 101 3.80 3.16 24.08
C PHE A 101 2.92 3.25 25.31
N PRO A 102 1.60 3.23 25.11
CA PRO A 102 0.70 3.66 26.16
C PRO A 102 0.27 2.54 27.12
N ILE A 103 0.82 1.35 26.94
CA ILE A 103 0.49 0.21 27.81
C ILE A 103 0.91 0.49 29.27
N PRO A 104 -0.02 0.33 30.22
CA PRO A 104 0.42 0.42 31.61
C PRO A 104 0.96 -0.91 32.15
N GLY A 105 1.71 -0.82 33.25
CA GLY A 105 2.30 -1.98 33.90
C GLY A 105 1.30 -3.02 34.31
N SER A 106 0.09 -2.60 34.64
CA SER A 106 -0.92 -3.59 35.04
C SER A 106 -1.21 -4.56 33.90
N GLU A 107 -0.86 -4.17 32.67
CA GLU A 107 -1.10 -5.02 31.50
C GLU A 107 0.14 -5.75 30.97
N ALA A 108 1.29 -5.50 31.59
CA ALA A 108 2.54 -6.00 31.06
C ALA A 108 2.57 -7.52 30.91
N VAL A 109 2.11 -8.25 31.93
CA VAL A 109 2.11 -9.71 31.85
C VAL A 109 1.27 -10.19 30.68
N ALA A 110 0.11 -9.57 30.49
CA ALA A 110 -0.77 -9.92 29.37
C ALA A 110 -0.11 -9.64 28.02
N VAL A 111 0.56 -8.51 27.92
CA VAL A 111 1.22 -8.12 26.68
C VAL A 111 2.37 -9.07 26.34
N GLU A 112 3.13 -9.44 27.36
CA GLU A 112 4.18 -10.43 27.27
C GLU A 112 3.59 -11.72 26.66
N ALA A 113 2.48 -12.19 27.20
CA ALA A 113 1.92 -13.46 26.76
C ALA A 113 1.41 -13.39 25.33
N ALA A 114 0.79 -12.26 24.97
CA ALA A 114 0.26 -12.09 23.62
C ALA A 114 1.38 -11.93 22.61
N THR A 115 2.44 -11.26 23.03
CA THR A 115 3.60 -11.10 22.18
C THR A 115 4.17 -12.48 21.79
N TYR A 116 4.16 -13.42 22.72
CA TYR A 116 4.61 -14.78 22.40
C TYR A 116 3.65 -15.44 21.41
N THR A 117 2.36 -15.41 21.69
CA THR A 117 1.37 -16.01 20.80
C THR A 117 1.42 -15.42 19.38
N LEU A 118 1.43 -14.09 19.28
CA LEU A 118 1.47 -13.41 17.98
C LEU A 118 2.70 -13.79 17.19
N LEU A 119 3.86 -13.83 17.85
CA LEU A 119 5.11 -14.13 17.16
C LEU A 119 5.24 -15.62 16.85
N ARG A 120 4.81 -16.48 17.75
CA ARG A 120 4.74 -17.89 17.41
C ARG A 120 3.94 -18.05 16.12
N ASP A 121 2.76 -17.45 16.08
CA ASP A 121 1.88 -17.58 14.94
C ASP A 121 2.52 -17.01 13.68
N ALA A 122 3.17 -15.86 13.81
CA ALA A 122 3.84 -15.27 12.66
C ALA A 122 5.03 -16.09 12.20
N HIS A 123 5.67 -16.80 13.13
CA HIS A 123 6.84 -17.62 12.79
C HIS A 123 6.47 -18.85 11.98
N ARG A 124 5.17 -19.10 11.84
CA ARG A 124 4.65 -20.19 11.00
C ARG A 124 4.77 -19.87 9.51
N ILE A 125 4.71 -18.59 9.18
CA ILE A 125 4.74 -18.13 7.81
C ILE A 125 6.17 -18.07 7.31
N ASP A 126 6.41 -18.73 6.20
CA ASP A 126 7.67 -18.63 5.47
C ASP A 126 7.36 -17.71 4.30
N LEU A 127 8.16 -16.66 4.16
CA LEU A 127 7.85 -15.56 3.22
C LEU A 127 8.12 -15.83 1.73
N GLU A 128 8.43 -17.07 1.38
CA GLU A 128 8.73 -17.40 0.00
C GLU A 128 7.73 -18.40 -0.57
N LYS A 129 7.11 -19.18 0.32
CA LYS A 129 6.22 -20.26 -0.08
C LYS A 129 4.84 -19.82 -0.58
N GLY A 130 4.39 -18.63 -0.16
CA GLY A 130 3.03 -18.20 -0.47
C GLY A 130 2.04 -18.64 0.59
N LEU A 131 1.15 -17.73 0.97
CA LEU A 131 0.25 -17.94 2.09
C LEU A 131 -0.75 -19.06 1.89
N GLU A 132 -0.86 -19.58 0.68
CA GLU A 132 -1.76 -20.71 0.38
C GLU A 132 -1.07 -22.10 0.42
N ASN A 133 0.23 -22.14 0.62
CA ASN A 133 0.98 -23.41 0.60
C ASN A 133 1.58 -23.87 1.93
N GLN A 134 0.96 -23.51 3.05
CA GLN A 134 1.58 -23.75 4.36
C GLN A 134 0.60 -24.18 5.46
N ASP A 135 -0.60 -24.62 5.08
CA ASP A 135 -1.63 -25.03 6.04
C ASP A 135 -1.82 -23.97 7.10
N LEU A 136 -2.24 -22.80 6.64
CA LEU A 136 -2.42 -21.65 7.51
C LEU A 136 -3.89 -21.28 7.63
N GLU A 137 -4.75 -22.10 7.01
CA GLU A 137 -6.22 -21.90 7.01
C GLU A 137 -6.75 -21.50 8.37
N ASP A 138 -6.27 -22.16 9.42
CA ASP A 138 -6.72 -21.91 10.79
C ASP A 138 -6.55 -20.44 11.19
N LEU A 139 -5.57 -19.77 10.58
CA LEU A 139 -5.31 -18.35 10.85
C LEU A 139 -6.12 -17.40 9.97
N ASP A 140 -6.62 -17.90 8.85
CA ASP A 140 -7.30 -17.04 7.89
C ASP A 140 -8.77 -16.82 8.31
N ILE A 141 -8.93 -16.19 9.47
CA ILE A 141 -10.24 -15.95 10.09
C ILE A 141 -10.37 -14.46 10.36
N PRO A 142 -11.58 -13.97 10.68
CA PRO A 142 -11.65 -12.52 10.92
C PRO A 142 -10.80 -12.09 12.12
N LEU A 143 -10.14 -10.94 11.96
CA LEU A 143 -9.20 -10.43 12.93
C LEU A 143 -9.81 -10.27 14.32
N ASN A 144 -11.07 -9.88 14.36
CA ASN A 144 -11.71 -9.65 15.64
C ASN A 144 -11.81 -10.93 16.48
N GLU A 145 -12.10 -12.05 15.82
CA GLU A 145 -12.16 -13.35 16.49
C GLU A 145 -10.81 -13.78 17.01
N TYR A 146 -9.76 -13.55 16.21
CA TYR A 146 -8.40 -13.91 16.58
C TYR A 146 -7.97 -13.13 17.81
N VAL A 147 -8.29 -11.83 17.79
CA VAL A 147 -7.92 -10.94 18.89
C VAL A 147 -8.76 -11.22 20.15
N ASP A 148 -10.00 -11.65 19.98
CA ASP A 148 -10.79 -12.12 21.11
C ASP A 148 -10.17 -13.35 21.77
N LYS A 149 -9.56 -14.22 20.97
CA LYS A 149 -8.89 -15.41 21.52
C LYS A 149 -7.68 -15.04 22.38
N LEU A 150 -6.97 -13.98 21.99
CA LEU A 150 -5.81 -13.47 22.74
C LEU A 150 -6.16 -12.95 24.12
N ASP A 151 -7.42 -12.55 24.30
CA ASP A 151 -7.97 -12.11 25.59
C ASP A 151 -7.20 -10.94 26.23
N LEU A 152 -6.93 -9.89 25.45
CA LEU A 152 -6.14 -8.75 25.93
C LEU A 152 -6.95 -7.74 26.76
N PRO A 153 -6.36 -7.23 27.85
CA PRO A 153 -6.96 -6.18 28.65
C PRO A 153 -7.09 -4.89 27.82
N PRO A 154 -7.92 -3.93 28.27
CA PRO A 154 -8.44 -2.89 27.38
C PRO A 154 -7.42 -2.09 26.59
N VAL A 155 -6.37 -1.58 27.24
CA VAL A 155 -5.44 -0.66 26.56
C VAL A 155 -4.70 -1.33 25.41
N SER A 156 -4.06 -2.47 25.68
CA SER A 156 -3.31 -3.16 24.66
C SER A 156 -4.20 -3.74 23.60
N ARG A 157 -5.39 -4.18 23.99
CA ARG A 157 -6.36 -4.70 23.02
C ARG A 157 -6.74 -3.62 22.01
N GLN A 158 -7.24 -2.50 22.50
CA GLN A 158 -7.62 -1.41 21.63
C GLN A 158 -6.43 -0.83 20.84
N PHE A 159 -5.26 -0.77 21.48
CA PHE A 159 -4.05 -0.26 20.82
C PHE A 159 -3.67 -1.11 19.60
N LEU A 160 -3.62 -2.42 19.82
CA LEU A 160 -3.44 -3.37 18.74
C LEU A 160 -4.52 -3.20 17.65
N LEU A 161 -5.78 -3.11 18.06
CA LEU A 161 -6.88 -3.03 17.08
C LEU A 161 -6.81 -1.77 16.23
N ALA A 162 -6.42 -0.66 16.86
CA ALA A 162 -6.38 0.62 16.17
C ALA A 162 -5.29 0.64 15.10
N TRP A 163 -4.10 0.16 15.45
CA TRP A 163 -3.02 0.11 14.47
C TRP A 163 -3.30 -0.94 13.39
N ALA A 164 -3.99 -2.02 13.76
CA ALA A 164 -4.33 -3.04 12.80
C ALA A 164 -5.27 -2.45 11.75
N TRP A 165 -6.22 -1.65 12.23
CA TRP A 165 -7.17 -0.93 11.38
C TRP A 165 -6.43 0.02 10.44
N ASN A 166 -5.49 0.78 10.99
CA ASN A 166 -4.68 1.72 10.24
C ASN A 166 -3.87 1.00 9.15
N MET A 167 -3.08 0.01 9.57
CA MET A 167 -2.17 -0.63 8.64
C MET A 167 -2.87 -1.45 7.56
N LEU A 168 -3.95 -2.14 7.92
CA LEU A 168 -4.61 -3.04 6.97
C LEU A 168 -5.66 -2.31 6.11
N GLY A 169 -6.19 -1.21 6.62
CA GLY A 169 -7.21 -0.47 5.91
C GLY A 169 -8.53 -1.21 5.91
N GLN A 170 -8.84 -1.88 7.02
CA GLN A 170 -10.06 -2.68 7.15
C GLN A 170 -10.47 -2.75 8.61
N PRO A 171 -11.79 -2.66 8.87
CA PRO A 171 -12.28 -2.87 10.23
C PRO A 171 -11.97 -4.30 10.68
N ALA A 172 -11.89 -4.51 11.99
CA ALA A 172 -11.44 -5.80 12.54
C ALA A 172 -12.23 -6.99 12.04
N ASP A 173 -13.52 -6.79 11.77
CA ASP A 173 -14.40 -7.90 11.33
C ASP A 173 -14.18 -8.33 9.88
N GLN A 174 -13.54 -7.48 9.08
CA GLN A 174 -13.30 -7.82 7.66
C GLN A 174 -11.86 -8.23 7.37
N ALA A 175 -10.95 -7.82 8.25
CA ALA A 175 -9.53 -8.08 8.11
C ALA A 175 -9.19 -9.51 8.47
N SER A 176 -8.26 -10.11 7.74
CA SER A 176 -7.83 -11.46 8.04
C SER A 176 -6.69 -11.47 9.05
N ALA A 177 -6.81 -12.29 10.09
CA ALA A 177 -5.74 -12.46 11.05
C ALA A 177 -4.45 -12.95 10.39
N LEU A 178 -4.60 -13.86 9.44
CA LEU A 178 -3.43 -14.34 8.68
C LEU A 178 -2.66 -13.18 8.05
N TRP A 179 -3.37 -12.22 7.48
CA TRP A 179 -2.73 -11.13 6.78
C TRP A 179 -1.98 -10.23 7.75
N MET A 180 -2.57 -10.03 8.94
CA MET A 180 -1.90 -9.26 9.99
CA MET A 180 -1.91 -9.27 9.99
C MET A 180 -0.59 -9.93 10.35
N LEU A 181 -0.61 -11.25 10.51
CA LEU A 181 0.59 -12.01 10.83
C LEU A 181 1.59 -11.97 9.68
N GLN A 182 1.08 -11.87 8.46
CA GLN A 182 1.90 -11.69 7.29
C GLN A 182 2.68 -10.39 7.38
N LEU A 183 2.02 -9.30 7.77
CA LEU A 183 2.73 -8.02 7.92
C LEU A 183 3.74 -8.11 9.04
N VAL A 184 3.39 -8.79 10.12
CA VAL A 184 4.36 -9.01 11.20
C VAL A 184 5.57 -9.75 10.64
N ALA A 185 5.34 -10.85 9.92
CA ALA A 185 6.43 -11.60 9.30
C ALA A 185 7.32 -10.73 8.38
N ALA A 186 6.70 -9.94 7.52
CA ALA A 186 7.43 -9.09 6.57
C ALA A 186 8.39 -8.09 7.23
N HIS A 187 8.13 -7.78 8.50
CA HIS A 187 8.91 -6.80 9.23
C HIS A 187 9.87 -7.51 10.17
N HIS A 188 10.59 -8.50 9.64
CA HIS A 188 11.52 -9.33 10.41
CA HIS A 188 11.55 -9.28 10.43
C HIS A 188 10.90 -9.87 11.69
N TYR A 189 9.67 -10.37 11.53
CA TYR A 189 8.93 -11.01 12.63
C TYR A 189 8.85 -10.09 13.86
N SER A 190 8.32 -8.90 13.63
CA SER A 190 8.18 -7.88 14.64
C SER A 190 6.80 -7.25 14.55
N ILE A 191 6.09 -7.20 15.67
CA ILE A 191 4.83 -6.46 15.78
C ILE A 191 5.19 -4.99 15.83
N LEU A 192 6.12 -4.65 16.71
CA LEU A 192 6.56 -3.27 16.85
C LEU A 192 7.00 -2.68 15.52
N GLY A 193 7.77 -3.44 14.75
CA GLY A 193 8.32 -2.97 13.48
C GLY A 193 7.29 -2.50 12.47
N VAL A 194 6.08 -3.05 12.57
CA VAL A 194 5.00 -2.70 11.67
C VAL A 194 4.67 -1.21 11.77
N VAL A 195 4.82 -0.64 12.95
CA VAL A 195 4.58 0.79 13.17
C VAL A 195 5.88 1.60 13.09
N LEU A 196 7.00 1.01 13.47
CA LEU A 196 8.27 1.74 13.44
C LEU A 196 8.83 1.96 12.01
N SER A 197 8.27 1.27 11.02
CA SER A 197 8.65 1.46 9.61
C SER A 197 8.13 2.78 9.02
N LEU A 198 7.33 3.51 9.79
CA LEU A 198 6.98 4.87 9.40
C LEU A 198 8.14 5.73 9.87
N ASP A 199 9.30 5.54 9.26
CA ASP A 199 10.53 6.14 9.74
C ASP A 199 10.96 7.41 8.99
N GLU A 200 10.91 7.36 7.66
CA GLU A 200 11.35 8.47 6.79
C GLU A 200 10.34 8.93 5.75
N VAL A 201 10.56 10.14 5.24
CA VAL A 201 9.77 10.65 4.10
C VAL A 201 10.67 11.23 3.01
N PHE A 202 10.12 11.35 1.81
CA PHE A 202 10.76 12.08 0.72
C PHE A 202 10.70 13.55 1.06
N SER A 203 11.85 14.20 1.17
CA SER A 203 11.90 15.64 1.39
C SER A 203 11.09 16.45 0.35
N ASN A 204 11.13 16.05 -0.91
CA ASN A 204 10.37 16.77 -1.94
C ASN A 204 9.25 15.94 -2.60
N GLY A 205 8.85 14.87 -1.94
CA GLY A 205 7.78 14.03 -2.46
C GLY A 205 8.28 12.88 -3.29
N SER A 206 7.42 11.88 -3.46
CA SER A 206 7.73 10.69 -4.22
C SER A 206 8.06 11.01 -5.69
N ALA A 207 7.49 12.09 -6.22
CA ALA A 207 7.68 12.45 -7.63
C ALA A 207 9.14 12.64 -8.04
N ASP A 208 9.98 13.08 -7.09
CA ASP A 208 11.42 13.13 -7.29
C ASP A 208 11.99 11.81 -7.82
N LEU A 209 11.66 10.73 -7.13
CA LEU A 209 12.13 9.42 -7.51
C LEU A 209 11.43 8.95 -8.77
N VAL A 210 10.17 9.33 -8.91
CA VAL A 210 9.41 8.96 -10.09
C VAL A 210 10.08 9.57 -11.32
N ASP A 211 10.51 10.82 -11.20
CA ASP A 211 11.08 11.51 -12.33
C ASP A 211 12.48 11.02 -12.64
N ALA A 212 13.30 10.86 -11.61
CA ALA A 212 14.64 10.32 -11.76
C ALA A 212 14.61 8.98 -12.52
N MET A 213 13.66 8.13 -12.17
CA MET A 213 13.51 6.84 -12.81
C MET A 213 13.04 6.95 -14.27
N SER A 214 11.99 7.74 -14.49
CA SER A 214 11.39 7.89 -15.81
C SER A 214 12.33 8.53 -16.84
N GLN A 215 13.25 9.36 -16.36
CA GLN A 215 14.32 9.93 -17.17
C GLN A 215 15.01 8.87 -18.00
N GLU A 216 15.22 7.69 -17.39
CA GLU A 216 15.95 6.60 -18.01
C GLU A 216 15.09 5.66 -18.85
N ILE A 217 13.83 6.01 -19.09
CA ILE A 217 12.96 5.21 -19.96
C ILE A 217 12.65 5.96 -21.26
N PRO A 218 13.19 5.49 -22.39
CA PRO A 218 13.11 6.25 -23.64
C PRO A 218 11.74 6.30 -24.30
N GLU A 219 10.88 5.31 -24.09
CA GLU A 219 9.56 5.34 -24.69
CA GLU A 219 9.55 5.37 -24.68
C GLU A 219 8.46 5.14 -23.64
N ILE A 220 7.62 6.16 -23.46
CA ILE A 220 6.51 6.13 -22.50
C ILE A 220 5.26 6.73 -23.14
N ARG A 221 4.16 5.99 -23.13
CA ARG A 221 2.89 6.54 -23.62
C ARG A 221 1.90 6.76 -22.47
N LEU A 222 1.63 8.02 -22.16
CA LEU A 222 0.63 8.38 -21.16
C LEU A 222 -0.74 8.26 -21.80
N GLN A 223 -1.79 8.40 -21.01
CA GLN A 223 -3.18 8.35 -21.47
C GLN A 223 -3.52 7.14 -22.34
N THR A 224 -2.82 6.04 -22.08
CA THR A 224 -2.94 4.82 -22.85
C THR A 224 -3.43 3.67 -21.96
N VAL A 225 -4.71 3.34 -22.09
CA VAL A 225 -5.33 2.33 -21.25
C VAL A 225 -5.40 0.99 -21.95
N VAL A 226 -4.62 0.03 -21.47
CA VAL A 226 -4.67 -1.33 -21.99
C VAL A 226 -6.00 -2.00 -21.59
N THR A 227 -6.66 -2.61 -22.57
CA THR A 227 -7.95 -3.29 -22.39
C THR A 227 -7.90 -4.80 -22.71
N GLY A 228 -6.84 -5.22 -23.41
CA GLY A 228 -6.66 -6.62 -23.78
C GLY A 228 -5.20 -6.99 -23.93
N ILE A 229 -4.86 -8.18 -23.47
CA ILE A 229 -3.53 -8.72 -23.61
C ILE A 229 -3.72 -10.12 -24.17
N ASP A 230 -3.29 -10.31 -25.41
CA ASP A 230 -3.56 -11.53 -26.17
C ASP A 230 -2.25 -12.22 -26.59
N GLN A 231 -2.00 -13.38 -26.01
CA GLN A 231 -0.78 -14.12 -26.28
C GLN A 231 -1.03 -15.42 -27.06
N SER A 232 -2.20 -15.52 -27.71
CA SER A 232 -2.52 -16.70 -28.53
C SER A 232 -1.53 -16.91 -29.70
N GLY A 233 -1.13 -15.82 -30.36
CA GLY A 233 -0.11 -15.87 -31.42
C GLY A 233 1.31 -16.09 -30.93
N ASP A 234 2.29 -15.93 -31.83
CA ASP A 234 3.71 -16.10 -31.49
C ASP A 234 4.26 -14.91 -30.70
N VAL A 235 3.61 -13.76 -30.86
CA VAL A 235 4.02 -12.49 -30.24
C VAL A 235 2.81 -11.86 -29.53
N VAL A 236 3.03 -11.38 -28.31
CA VAL A 236 1.93 -10.88 -27.51
C VAL A 236 1.37 -9.60 -28.14
N ASN A 237 0.04 -9.54 -28.25
CA ASN A 237 -0.64 -8.36 -28.78
C ASN A 237 -1.42 -7.63 -27.68
N VAL A 238 -1.07 -6.36 -27.48
CA VAL A 238 -1.66 -5.53 -26.45
C VAL A 238 -2.65 -4.53 -27.06
N THR A 239 -3.92 -4.67 -26.69
CA THR A 239 -4.99 -3.81 -27.17
C THR A 239 -5.20 -2.64 -26.23
N VAL A 240 -5.46 -1.48 -26.83
CA VAL A 240 -5.54 -0.20 -26.14
C VAL A 240 -6.93 0.41 -26.42
N LYS A 241 -7.43 1.21 -25.47
N LYS A 241 -7.44 1.22 -25.48
CA LYS A 241 -8.78 1.77 -25.52
CA LYS A 241 -8.81 1.74 -25.53
C LYS A 241 -9.03 2.58 -26.79
C LYS A 241 -9.37 2.00 -26.94
N ASP A 242 -8.21 3.62 -26.99
N ASP A 242 -8.94 3.10 -27.56
CA ASP A 242 -8.36 4.49 -28.15
CA ASP A 242 -9.42 3.44 -28.89
C ASP A 242 -7.13 4.45 -29.06
C ASP A 242 -9.75 2.16 -29.64
N GLY A 243 -7.06 3.44 -29.92
N GLY A 243 -8.75 1.27 -29.73
CA GLY A 243 -6.03 3.41 -30.95
CA GLY A 243 -8.90 0.02 -30.44
C GLY A 243 -5.34 2.10 -31.26
C GLY A 243 -7.59 -0.40 -31.07
N HIS A 244 -4.27 2.20 -32.06
N HIS A 244 -6.61 0.50 -31.10
CA HIS A 244 -3.53 1.08 -32.61
CA HIS A 244 -5.31 0.18 -31.67
C HIS A 244 -2.88 0.22 -31.54
C HIS A 244 -4.48 -0.76 -30.80
N ALA A 245 -2.93 -1.09 -31.74
N ALA A 245 -3.24 -1.04 -31.22
CA ALA A 245 -2.38 -2.06 -30.80
CA ALA A 245 -2.46 -2.10 -30.60
C ALA A 245 -0.85 -2.04 -30.79
C ALA A 245 -0.93 -1.93 -30.68
N PHE A 246 -0.26 -2.64 -29.77
CA PHE A 246 1.20 -2.72 -29.65
C PHE A 246 1.52 -4.18 -29.41
N GLN A 247 2.74 -4.58 -29.77
CA GLN A 247 3.12 -5.98 -29.61
C GLN A 247 4.54 -6.18 -29.10
N ALA A 248 4.76 -7.32 -28.44
CA ALA A 248 6.04 -7.62 -27.79
C ALA A 248 6.17 -9.10 -27.44
N HIS A 249 7.40 -9.54 -27.29
CA HIS A 249 7.68 -10.91 -26.92
C HIS A 249 7.13 -11.18 -25.53
N SER A 250 7.31 -10.22 -24.62
CA SER A 250 6.87 -10.31 -23.23
C SER A 250 6.04 -9.11 -22.80
N VAL A 251 5.04 -9.36 -21.95
CA VAL A 251 4.30 -8.27 -21.34
C VAL A 251 4.37 -8.34 -19.82
N ILE A 252 4.71 -7.21 -19.22
CA ILE A 252 4.64 -7.08 -17.77
C ILE A 252 3.40 -6.28 -17.41
N VAL A 253 2.45 -6.96 -16.79
CA VAL A 253 1.31 -6.32 -16.13
C VAL A 253 1.77 -5.73 -14.79
N ALA A 254 1.83 -4.40 -14.72
CA ALA A 254 2.27 -3.69 -13.51
C ALA A 254 1.17 -2.76 -13.02
N THR A 255 -0.07 -3.18 -13.22
CA THR A 255 -1.23 -2.40 -12.83
C THR A 255 -1.76 -2.97 -11.53
N PRO A 256 -2.65 -2.23 -10.84
CA PRO A 256 -3.13 -2.73 -9.55
C PRO A 256 -3.99 -3.96 -9.70
N MET A 257 -3.84 -4.88 -8.76
CA MET A 257 -4.56 -6.15 -8.77
C MET A 257 -6.03 -5.96 -9.08
N ASN A 258 -6.66 -5.02 -8.38
CA ASN A 258 -8.09 -4.78 -8.54
C ASN A 258 -8.53 -4.28 -9.93
N THR A 259 -7.57 -3.94 -10.79
CA THR A 259 -7.89 -3.52 -12.16
C THR A 259 -7.75 -4.64 -13.19
N TRP A 260 -7.14 -5.76 -12.80
CA TRP A 260 -6.89 -6.88 -13.71
C TRP A 260 -8.16 -7.43 -14.37
N ARG A 261 -9.25 -7.42 -13.62
CA ARG A 261 -10.55 -7.87 -14.12
C ARG A 261 -11.12 -7.01 -15.27
N ARG A 262 -10.57 -5.81 -15.45
CA ARG A 262 -10.97 -4.91 -16.55
C ARG A 262 -10.17 -5.16 -17.84
N ILE A 263 -9.27 -6.15 -17.82
CA ILE A 263 -8.51 -6.50 -19.01
C ILE A 263 -8.96 -7.86 -19.51
N VAL A 264 -9.06 -7.99 -20.83
CA VAL A 264 -9.34 -9.27 -21.46
C VAL A 264 -8.03 -9.98 -21.79
N PHE A 265 -7.81 -11.11 -21.13
CA PHE A 265 -6.64 -11.93 -21.35
C PHE A 265 -6.98 -13.09 -22.28
N THR A 266 -6.13 -13.31 -23.27
CA THR A 266 -6.29 -14.42 -24.23
C THR A 266 -4.97 -15.19 -24.36
N PRO A 267 -4.98 -16.49 -23.97
CA PRO A 267 -6.15 -17.15 -23.40
C PRO A 267 -6.45 -16.64 -22.00
N ALA A 268 -7.63 -16.97 -21.49
CA ALA A 268 -8.00 -16.68 -20.10
C ALA A 268 -6.91 -17.16 -19.15
N LEU A 269 -6.74 -16.41 -18.05
CA LEU A 269 -5.73 -16.71 -17.02
C LEU A 269 -5.99 -18.06 -16.33
N PRO A 270 -4.93 -18.66 -15.73
CA PRO A 270 -5.11 -19.96 -15.06
C PRO A 270 -6.25 -19.89 -14.04
N GLU A 271 -7.10 -20.90 -14.05
CA GLU A 271 -8.42 -20.75 -13.44
C GLU A 271 -8.43 -20.56 -11.93
N ARG A 272 -7.39 -21.01 -11.24
CA ARG A 272 -7.28 -20.82 -9.79
C ARG A 272 -7.23 -19.35 -9.38
N ARG A 273 -6.73 -18.50 -10.28
CA ARG A 273 -6.61 -17.08 -10.02
C ARG A 273 -7.91 -16.31 -10.24
N ARG A 274 -8.86 -16.92 -10.96
CA ARG A 274 -9.94 -16.15 -11.57
C ARG A 274 -10.93 -15.52 -10.59
N SER A 275 -11.30 -16.24 -9.54
CA SER A 275 -12.33 -15.72 -8.64
C SER A 275 -11.77 -14.59 -7.76
N VAL A 276 -10.55 -14.73 -7.29
CA VAL A 276 -9.91 -13.65 -6.54
C VAL A 276 -9.77 -12.40 -7.40
N ILE A 277 -9.29 -12.58 -8.64
CA ILE A 277 -9.18 -11.47 -9.59
C ILE A 277 -10.53 -10.77 -9.82
N GLU A 278 -11.61 -11.55 -9.86
CA GLU A 278 -12.93 -10.99 -10.12
C GLU A 278 -13.48 -10.22 -8.93
N GLU A 279 -13.36 -10.79 -7.73
CA GLU A 279 -13.82 -10.10 -6.53
C GLU A 279 -12.93 -8.94 -6.09
N GLY A 280 -11.64 -9.02 -6.42
CA GLY A 280 -10.64 -8.06 -5.96
C GLY A 280 -10.29 -8.33 -4.50
N HIS A 281 -9.18 -7.75 -4.04
CA HIS A 281 -8.83 -7.80 -2.62
C HIS A 281 -9.73 -6.84 -1.82
N GLY A 282 -9.71 -6.94 -0.50
CA GLY A 282 -10.59 -6.12 0.32
C GLY A 282 -10.05 -4.82 0.89
N GLY A 283 -8.84 -4.41 0.50
CA GLY A 283 -8.24 -3.17 0.98
C GLY A 283 -9.19 -1.99 0.82
N GLN A 284 -9.36 -1.23 1.89
CA GLN A 284 -10.24 -0.05 1.93
C GLN A 284 -9.61 1.08 2.70
N GLY A 285 -8.29 1.03 2.83
CA GLY A 285 -7.55 2.09 3.49
C GLY A 285 -8.03 3.44 3.01
N LEU A 286 -8.29 4.33 3.97
CA LEU A 286 -8.67 5.69 3.68
C LEU A 286 -7.70 6.59 4.44
N LYS A 287 -6.93 7.38 3.71
CA LYS A 287 -6.00 8.32 4.32
C LYS A 287 -6.52 9.73 4.10
N ILE A 288 -6.84 10.45 5.20
CA ILE A 288 -7.36 11.81 5.06
C ILE A 288 -6.39 12.84 5.61
N LEU A 289 -6.09 13.85 4.79
CA LEU A 289 -5.27 14.96 5.23
C LEU A 289 -6.18 16.06 5.75
N ILE A 290 -6.06 16.37 7.04
CA ILE A 290 -6.98 17.31 7.64
C ILE A 290 -6.30 18.62 7.93
N HIS A 291 -6.81 19.69 7.32
CA HIS A 291 -6.34 21.03 7.56
C HIS A 291 -6.96 21.54 8.87
N VAL A 292 -6.12 21.96 9.82
CA VAL A 292 -6.60 22.31 11.15
C VAL A 292 -6.05 23.61 11.73
N ARG A 293 -6.82 24.18 12.64
CA ARG A 293 -6.33 25.27 13.46
C ARG A 293 -6.44 24.84 14.93
N GLY A 294 -5.49 25.30 15.76
CA GLY A 294 -5.55 25.09 17.20
C GLY A 294 -4.80 23.85 17.68
N ALA A 295 -4.14 23.16 16.77
CA ALA A 295 -3.34 21.98 17.11
C ALA A 295 -1.86 22.35 17.27
N GLU A 296 -1.30 21.96 18.40
CA GLU A 296 0.13 22.14 18.63
C GLU A 296 0.89 21.04 17.87
N ALA A 297 2.17 21.27 17.60
CA ALA A 297 2.98 20.33 16.84
C ALA A 297 3.18 19.04 17.60
N GLY A 298 3.35 17.95 16.85
CA GLY A 298 3.82 16.67 17.41
C GLY A 298 2.76 15.80 18.05
N ILE A 299 1.48 16.10 17.80
CA ILE A 299 0.40 15.32 18.36
C ILE A 299 0.32 13.93 17.71
N GLU A 300 0.19 12.90 18.54
CA GLU A 300 -0.18 11.57 18.07
C GLU A 300 -1.37 11.05 18.87
N CYS A 301 -2.40 10.58 18.16
CA CYS A 301 -3.58 10.00 18.82
C CYS A 301 -3.83 8.61 18.28
N VAL A 302 -4.01 7.67 19.20
CA VAL A 302 -4.43 6.31 18.88
C VAL A 302 -5.58 6.02 19.83
N GLY A 303 -6.57 5.28 19.38
CA GLY A 303 -7.70 5.02 20.25
C GLY A 303 -8.84 4.30 19.56
N ASP A 304 -10.01 4.42 20.14
CA ASP A 304 -11.13 3.63 19.71
C ASP A 304 -12.07 4.43 18.81
N GLY A 305 -11.65 5.62 18.42
CA GLY A 305 -12.43 6.45 17.49
C GLY A 305 -12.55 5.85 16.09
N ILE A 306 -13.51 6.39 15.34
CA ILE A 306 -13.71 6.05 13.93
C ILE A 306 -12.43 6.37 13.13
N PHE A 307 -11.61 7.27 13.66
CA PHE A 307 -10.23 7.35 13.20
C PHE A 307 -9.39 6.58 14.21
N PRO A 308 -9.02 5.33 13.89
CA PRO A 308 -8.12 4.60 14.80
C PRO A 308 -6.88 5.41 15.16
N THR A 309 -6.33 6.13 14.19
CA THR A 309 -5.16 6.95 14.42
C THR A 309 -5.37 8.33 13.84
N LEU A 310 -4.77 9.32 14.48
CA LEU A 310 -4.81 10.69 14.01
C LEU A 310 -3.55 11.33 14.54
N TYR A 311 -2.71 11.84 13.64
CA TYR A 311 -1.47 12.46 14.10
C TYR A 311 -0.91 13.52 13.19
N ASP A 312 0.11 14.21 13.68
CA ASP A 312 0.73 15.31 12.98
C ASP A 312 1.26 14.90 11.62
N TYR A 313 1.03 15.73 10.61
CA TYR A 313 1.61 15.51 9.30
C TYR A 313 2.51 16.68 8.88
N CYS A 314 1.96 17.88 8.84
CA CYS A 314 2.69 19.00 8.28
C CYS A 314 2.38 20.30 8.98
N GLU A 315 3.36 21.19 9.04
CA GLU A 315 3.16 22.54 9.55
C GLU A 315 2.78 23.45 8.39
N VAL A 316 1.65 24.15 8.52
CA VAL A 316 1.20 25.05 7.46
C VAL A 316 1.63 26.47 7.78
N SER A 317 1.38 26.89 9.02
CA SER A 317 1.83 28.18 9.53
C SER A 317 1.96 28.06 11.04
N GLU A 318 2.07 29.19 11.72
CA GLU A 318 2.20 29.17 13.17
C GLU A 318 0.90 28.79 13.87
N SER A 319 -0.21 28.88 13.16
CA SER A 319 -1.50 28.52 13.74
C SER A 319 -2.16 27.33 13.03
N GLU A 320 -1.70 27.00 11.82
CA GLU A 320 -2.36 25.98 11.01
C GLU A 320 -1.47 24.79 10.74
N ARG A 321 -2.06 23.60 10.69
CA ARG A 321 -1.33 22.37 10.39
C ARG A 321 -2.15 21.43 9.54
N LEU A 322 -1.49 20.42 9.01
CA LEU A 322 -2.16 19.26 8.49
C LEU A 322 -1.94 18.10 9.45
N LEU A 323 -3.04 17.42 9.78
CA LEU A 323 -3.00 16.17 10.50
C LEU A 323 -3.33 15.08 9.50
N VAL A 324 -3.00 13.85 9.83
CA VAL A 324 -3.43 12.75 8.99
C VAL A 324 -4.22 11.75 9.83
N ALA A 325 -5.30 11.27 9.24
CA ALA A 325 -6.12 10.28 9.87
C ALA A 325 -6.16 9.08 8.96
N PHE A 326 -6.11 7.90 9.56
CA PHE A 326 -6.36 6.71 8.77
C PHE A 326 -7.62 6.06 9.30
N THR A 327 -8.36 5.45 8.39
CA THR A 327 -9.59 4.73 8.67
C THR A 327 -9.89 3.92 7.42
N ASP A 328 -11.14 3.51 7.21
CA ASP A 328 -11.47 2.85 5.94
C ASP A 328 -12.74 3.40 5.33
N SER A 329 -12.84 3.26 4.02
CA SER A 329 -13.86 3.89 3.21
C SER A 329 -15.23 3.24 3.35
N GLY A 330 -15.25 2.01 3.80
CA GLY A 330 -16.51 1.38 4.17
C GLY A 330 -17.07 1.91 5.49
N SER A 331 -16.23 2.49 6.34
CA SER A 331 -16.69 2.90 7.67
C SER A 331 -16.94 4.41 7.76
N PHE A 332 -16.26 5.17 6.91
CA PHE A 332 -16.28 6.59 7.02
C PHE A 332 -16.46 7.25 5.66
N ASP A 333 -17.22 8.35 5.64
CA ASP A 333 -17.42 9.14 4.45
C ASP A 333 -16.69 10.46 4.64
N PRO A 334 -15.55 10.63 3.94
CA PRO A 334 -14.72 11.82 4.13
C PRO A 334 -15.34 13.11 3.58
N THR A 335 -16.40 13.00 2.77
CA THR A 335 -17.06 14.19 2.22
C THR A 335 -18.00 14.82 3.25
N ASP A 336 -18.24 14.08 4.34
CA ASP A 336 -19.08 14.53 5.44
C ASP A 336 -18.21 15.24 6.48
N ILE A 337 -18.08 16.56 6.36
CA ILE A 337 -17.19 17.34 7.20
C ILE A 337 -17.60 17.36 8.68
N GLY A 338 -18.91 17.37 8.95
CA GLY A 338 -19.39 17.24 10.31
C GLY A 338 -18.83 15.99 10.97
N ALA A 339 -18.97 14.86 10.27
CA ALA A 339 -18.37 13.60 10.68
C ALA A 339 -16.87 13.75 10.97
N VAL A 340 -16.15 14.45 10.10
CA VAL A 340 -14.72 14.63 10.27
C VAL A 340 -14.45 15.45 11.54
N LYS A 341 -15.26 16.48 11.75
CA LYS A 341 -15.14 17.28 12.95
C LYS A 341 -15.32 16.40 14.19
N ASP A 342 -16.36 15.58 14.19
CA ASP A 342 -16.66 14.71 15.31
C ASP A 342 -15.52 13.72 15.59
N ALA A 343 -15.00 13.11 14.52
CA ALA A 343 -13.90 12.18 14.64
C ALA A 343 -12.67 12.85 15.22
N VAL A 344 -12.40 14.09 14.77
CA VAL A 344 -11.23 14.81 15.26
C VAL A 344 -11.46 15.28 16.68
N LEU A 345 -12.59 15.94 16.89
CA LEU A 345 -12.87 16.52 18.20
C LEU A 345 -12.83 15.46 19.30
N TYR A 346 -13.26 14.24 18.96
CA TYR A 346 -13.19 13.10 19.88
C TYR A 346 -11.82 12.96 20.55
N TYR A 347 -10.74 13.08 19.78
CA TYR A 347 -9.39 13.06 20.34
C TYR A 347 -8.92 14.45 20.77
N LEU A 348 -9.29 15.45 19.97
CA LEU A 348 -8.74 16.81 20.17
C LEU A 348 -9.85 17.87 20.15
N PRO A 349 -10.56 18.01 21.28
CA PRO A 349 -11.72 18.90 21.40
C PRO A 349 -11.44 20.40 21.21
N GLU A 350 -10.17 20.79 21.24
CA GLU A 350 -9.79 22.19 21.07
C GLU A 350 -9.42 22.51 19.63
N VAL A 351 -9.48 21.50 18.77
CA VAL A 351 -8.98 21.66 17.42
C VAL A 351 -10.12 21.92 16.43
N GLU A 352 -9.92 22.95 15.60
CA GLU A 352 -10.90 23.35 14.59
C GLU A 352 -10.48 22.86 13.21
N VAL A 353 -11.37 22.12 12.56
CA VAL A 353 -11.11 21.58 11.23
C VAL A 353 -11.41 22.64 10.18
N LEU A 354 -10.39 22.99 9.41
CA LEU A 354 -10.55 23.98 8.33
C LEU A 354 -10.99 23.34 7.01
N GLY A 355 -10.50 22.14 6.70
CA GLY A 355 -10.87 21.43 5.48
C GLY A 355 -10.20 20.08 5.41
N ILE A 356 -10.59 19.27 4.42
CA ILE A 356 -9.99 17.95 4.21
C ILE A 356 -9.54 17.71 2.77
N ASP A 357 -8.59 16.80 2.60
CA ASP A 357 -7.99 16.49 1.33
C ASP A 357 -7.72 15.00 1.34
N TYR A 358 -8.08 14.33 0.27
CA TYR A 358 -7.84 12.90 0.13
C TYR A 358 -7.96 12.54 -1.36
N HIS A 359 -7.70 11.28 -1.68
CA HIS A 359 -7.96 10.78 -3.02
C HIS A 359 -8.79 9.53 -2.88
N ASP A 360 -9.83 9.44 -3.71
CA ASP A 360 -10.74 8.30 -3.69
C ASP A 360 -10.17 7.16 -4.55
N TRP A 361 -9.24 6.41 -3.98
CA TRP A 361 -8.57 5.33 -4.70
C TRP A 361 -9.55 4.30 -5.24
N ILE A 362 -10.58 3.97 -4.46
CA ILE A 362 -11.58 2.98 -4.89
C ILE A 362 -12.37 3.41 -6.13
N ALA A 363 -12.71 4.70 -6.21
CA ALA A 363 -13.53 5.20 -7.31
C ALA A 363 -12.69 5.47 -8.57
N ASP A 364 -11.37 5.59 -8.39
CA ASP A 364 -10.43 5.79 -9.50
C ASP A 364 -10.36 4.52 -10.35
N PRO A 365 -10.80 4.60 -11.63
CA PRO A 365 -10.87 3.41 -12.49
C PRO A 365 -9.51 2.80 -12.83
N LEU A 366 -8.46 3.58 -12.61
CA LEU A 366 -7.11 3.11 -12.80
C LEU A 366 -6.53 2.44 -11.56
N PHE A 367 -7.34 2.33 -10.49
CA PHE A 367 -6.86 1.74 -9.25
C PHE A 367 -7.86 0.80 -8.56
N GLU A 368 -9.10 1.27 -8.36
CA GLU A 368 -10.15 0.46 -7.74
C GLU A 368 -9.74 -0.09 -6.34
N GLY A 369 -9.00 0.71 -5.60
CA GLY A 369 -8.51 0.32 -4.28
C GLY A 369 -7.22 1.04 -3.90
N PRO A 370 -6.98 1.22 -2.58
CA PRO A 370 -5.70 1.72 -2.12
C PRO A 370 -4.73 0.52 -2.08
N TRP A 371 -3.95 0.33 -1.01
CA TRP A 371 -3.07 -0.83 -0.94
C TRP A 371 -3.83 -2.14 -0.70
N VAL A 372 -3.19 -3.25 -1.08
CA VAL A 372 -3.79 -4.56 -0.95
C VAL A 372 -4.08 -4.98 0.49
N ALA A 373 -5.26 -5.57 0.69
CA ALA A 373 -5.56 -6.35 1.90
C ALA A 373 -6.58 -7.41 1.51
N PRO A 374 -6.26 -8.69 1.74
CA PRO A 374 -7.16 -9.73 1.25
C PRO A 374 -8.44 -9.77 2.06
N ARG A 375 -9.49 -10.28 1.44
CA ARG A 375 -10.69 -10.63 2.17
C ARG A 375 -10.39 -11.92 2.93
N VAL A 376 -11.10 -12.13 4.03
CA VAL A 376 -10.95 -13.32 4.84
C VAL A 376 -11.10 -14.54 3.95
N GLY A 377 -10.14 -15.45 4.01
CA GLY A 377 -10.22 -16.68 3.25
C GLY A 377 -9.61 -16.62 1.86
N GLN A 378 -9.28 -15.42 1.37
CA GLN A 378 -8.75 -15.29 0.01
C GLN A 378 -7.36 -15.88 -0.15
N PHE A 379 -6.40 -15.36 0.61
CA PHE A 379 -4.98 -15.64 0.34
C PHE A 379 -4.49 -17.00 0.83
N SER A 380 -5.29 -17.70 1.62
CA SER A 380 -4.97 -19.09 1.93
C SER A 380 -5.54 -20.04 0.86
N ARG A 381 -6.38 -19.50 -0.03
CA ARG A 381 -6.83 -20.21 -1.25
C ARG A 381 -5.85 -20.00 -2.41
N VAL A 382 -5.51 -18.74 -2.67
CA VAL A 382 -4.54 -18.39 -3.70
C VAL A 382 -3.83 -17.06 -3.50
N HIS A 383 -2.51 -17.10 -3.46
CA HIS A 383 -1.75 -15.93 -3.15
C HIS A 383 -0.48 -15.83 -3.97
N LYS A 384 0.40 -16.82 -3.87
CA LYS A 384 1.67 -16.80 -4.60
C LYS A 384 1.46 -16.81 -6.11
N GLU A 385 0.49 -17.59 -6.56
CA GLU A 385 0.19 -17.69 -7.99
C GLU A 385 -0.16 -16.35 -8.64
N LEU A 386 -0.87 -15.49 -7.91
CA LEU A 386 -1.30 -14.21 -8.47
C LEU A 386 -0.17 -13.41 -9.10
N GLY A 387 1.03 -13.56 -8.56
CA GLY A 387 2.21 -12.86 -9.06
C GLY A 387 3.12 -13.73 -9.89
N GLU A 388 2.60 -14.85 -10.34
CA GLU A 388 3.39 -15.77 -11.13
C GLU A 388 3.08 -15.60 -12.60
N PRO A 389 4.08 -15.84 -13.48
CA PRO A 389 3.86 -15.70 -14.92
C PRO A 389 2.79 -16.65 -15.43
N ALA A 390 1.90 -16.14 -16.28
CA ALA A 390 1.00 -16.98 -17.06
C ALA A 390 1.47 -16.88 -18.51
N GLY A 391 2.21 -17.88 -18.95
CA GLY A 391 2.86 -17.84 -20.26
C GLY A 391 3.90 -16.73 -20.34
N ARG A 392 3.71 -15.84 -21.32
CA ARG A 392 4.65 -14.76 -21.58
C ARG A 392 4.25 -13.46 -20.86
N ILE A 393 3.15 -13.53 -20.10
CA ILE A 393 2.66 -12.39 -19.35
C ILE A 393 3.07 -12.46 -17.88
N HIS A 394 3.80 -11.46 -17.41
CA HIS A 394 4.22 -11.38 -16.01
C HIS A 394 3.36 -10.44 -15.19
N PHE A 395 3.22 -10.75 -13.91
CA PHE A 395 2.42 -9.94 -12.98
C PHE A 395 3.28 -9.45 -11.85
N VAL A 396 3.38 -8.13 -11.69
CA VAL A 396 4.20 -7.54 -10.64
C VAL A 396 3.41 -6.49 -9.85
N GLY A 397 4.09 -5.85 -8.89
CA GLY A 397 3.50 -4.78 -8.09
C GLY A 397 3.38 -5.08 -6.61
N SER A 398 3.29 -4.03 -5.80
CA SER A 398 3.08 -4.17 -4.35
C SER A 398 2.03 -5.23 -4.00
N ASP A 399 0.94 -5.27 -4.77
CA ASP A 399 -0.21 -6.12 -4.45
C ASP A 399 0.14 -7.61 -4.35
N VAL A 400 1.18 -8.02 -5.08
CA VAL A 400 1.51 -9.45 -5.22
C VAL A 400 2.87 -9.84 -4.66
N SER A 401 3.53 -8.87 -4.05
CA SER A 401 4.80 -9.09 -3.39
C SER A 401 4.61 -10.01 -2.19
N LEU A 402 5.44 -11.04 -2.08
CA LEU A 402 5.36 -11.96 -0.95
C LEU A 402 6.17 -11.44 0.22
N GLU A 403 7.12 -10.56 -0.09
CA GLU A 403 8.15 -10.14 0.86
C GLU A 403 7.75 -8.85 1.59
N PHE A 404 7.26 -7.86 0.83
CA PHE A 404 6.76 -6.62 1.42
CA PHE A 404 6.83 -6.58 1.38
C PHE A 404 5.53 -6.09 0.72
N PRO A 405 4.41 -6.84 0.83
CA PRO A 405 3.18 -6.37 0.17
C PRO A 405 2.64 -5.09 0.81
N GLY A 406 2.07 -4.22 -0.02
CA GLY A 406 1.50 -2.96 0.44
C GLY A 406 2.49 -1.81 0.56
N TYR A 407 3.77 -2.09 0.30
CA TYR A 407 4.84 -1.10 0.42
C TYR A 407 5.56 -0.88 -0.93
N ILE A 408 6.12 0.31 -1.12
CA ILE A 408 6.90 0.61 -2.31
C ILE A 408 7.98 -0.45 -2.52
N GLU A 409 8.56 -0.91 -1.42
CA GLU A 409 9.62 -1.90 -1.50
C GLU A 409 9.12 -3.16 -2.18
N GLY A 410 7.86 -3.50 -1.95
CA GLY A 410 7.27 -4.67 -2.60
C GLY A 410 7.12 -4.49 -4.10
N ALA A 411 6.78 -3.27 -4.52
CA ALA A 411 6.70 -2.94 -5.93
C ALA A 411 8.06 -3.14 -6.58
N LEU A 412 9.11 -2.69 -5.91
CA LEU A 412 10.47 -2.82 -6.44
C LEU A 412 10.93 -4.28 -6.51
N GLU A 413 10.59 -5.06 -5.49
CA GLU A 413 11.03 -6.45 -5.40
C GLU A 413 10.40 -7.33 -6.48
N THR A 414 9.10 -7.20 -6.69
CA THR A 414 8.42 -7.95 -7.75
C THR A 414 9.00 -7.63 -9.15
N ALA A 415 9.27 -6.35 -9.38
CA ALA A 415 9.87 -5.90 -10.64
C ALA A 415 11.23 -6.58 -10.89
N GLU A 416 12.14 -6.44 -9.94
CA GLU A 416 13.43 -7.13 -9.97
C GLU A 416 13.27 -8.59 -10.38
N CYS A 417 12.28 -9.24 -9.80
CA CYS A 417 12.07 -10.65 -10.03
C CYS A 417 11.56 -10.96 -11.44
N ALA A 418 10.75 -10.07 -12.00
CA ALA A 418 10.26 -10.22 -13.37
C ALA A 418 11.38 -9.96 -14.37
N VAL A 419 12.17 -8.93 -14.10
CA VAL A 419 13.30 -8.56 -14.94
C VAL A 419 14.26 -9.74 -15.09
N ASN A 420 14.66 -10.33 -13.96
CA ASN A 420 15.59 -11.47 -13.98
C ASN A 420 15.01 -12.66 -14.73
N ALA A 421 13.72 -12.89 -14.57
CA ALA A 421 13.05 -13.97 -15.26
C ALA A 421 13.11 -13.76 -16.77
N ILE A 422 12.89 -12.52 -17.20
CA ILE A 422 12.85 -12.20 -18.62
C ILE A 422 14.27 -12.29 -19.22
N LEU A 423 15.26 -11.87 -18.45
CA LEU A 423 16.63 -11.86 -18.92
C LEU A 423 17.19 -13.27 -19.13
N HIS A 424 16.55 -14.26 -18.53
CA HIS A 424 16.85 -15.67 -18.84
C HIS A 424 15.91 -16.26 -19.91
N SER A 425 14.59 -16.13 -19.74
CA SER A 425 13.65 -16.58 -20.76
C SER A 425 13.65 -15.65 -21.97
C7 LDP B . 0.24 -0.36 3.87
C1 LDP B . 0.36 0.98 4.58
C4 LDP B . 0.67 3.48 5.83
C2 LDP B . -0.56 1.35 5.55
C6 LDP B . 1.41 1.84 4.23
C5 LDP B . 1.56 3.07 4.86
C3 LDP B . -0.45 2.58 6.20
O1 LDP B . -1.32 2.98 7.15
O2 LDP B . 0.78 4.69 6.46
C8 LDP B . 0.37 -1.51 4.87
N1 LDP B . -0.11 -2.75 4.28
PA FAD C . 0.77 1.56 -8.77
O1A FAD C . 1.52 2.61 -8.00
O2A FAD C . -0.68 1.47 -8.42
O5B FAD C . 0.88 1.82 -10.35
C5B FAD C . -0.04 1.20 -11.25
C4B FAD C . -0.13 2.02 -12.53
O4B FAD C . -0.91 1.34 -13.49
C3B FAD C . -0.82 3.34 -12.28
O3B FAD C . 0.01 4.36 -12.77
C2B FAD C . -2.13 3.24 -13.05
O2B FAD C . -2.51 4.49 -13.58
C1B FAD C . -1.77 2.26 -14.15
N9A FAD C . -2.90 1.53 -14.78
C8A FAD C . -4.01 1.01 -14.16
N7A FAD C . -4.77 0.41 -15.10
C5A FAD C . -4.17 0.52 -16.31
C6A FAD C . -4.53 0.08 -17.59
N6A FAD C . -5.47 -0.85 -17.75
N1A FAD C . -3.69 0.36 -18.65
C2A FAD C . -2.52 1.07 -18.44
N3A FAD C . -2.18 1.49 -17.18
C4A FAD C . -3.00 1.24 -16.12
N1 FAD C . 3.90 2.47 0.54
C2 FAD C . 5.01 2.66 1.31
O2 FAD C . 6.04 2.03 1.05
N3 FAD C . 4.99 3.56 2.35
C4 FAD C . 3.83 4.27 2.62
O4 FAD C . 3.83 5.08 3.54
C4X FAD C . 2.69 4.09 1.84
N5 FAD C . 1.53 4.79 2.10
C5X FAD C . 0.41 4.58 1.31
C6 FAD C . -0.76 5.30 1.55
C7 FAD C . -1.89 5.11 0.75
C7M FAD C . -3.15 5.89 1.05
C8 FAD C . -1.83 4.19 -0.31
C8M FAD C . -3.01 3.95 -1.20
C9 FAD C . -0.66 3.47 -0.55
C9A FAD C . 0.46 3.67 0.25
N10 FAD C . 1.63 2.97 0.01
C10 FAD C . 2.74 3.17 0.79
C1' FAD C . 1.61 1.81 -0.93
C2' FAD C . 2.37 2.20 -2.20
O2' FAD C . 2.14 3.56 -2.52
C3' FAD C . 1.85 1.36 -3.34
O3' FAD C . 1.56 0.06 -2.82
C4' FAD C . 2.89 1.28 -4.47
O4' FAD C . 3.22 2.56 -4.96
C5' FAD C . 2.31 0.44 -5.59
O5' FAD C . 2.99 0.73 -6.78
P FAD C . 2.81 -0.28 -8.01
O1P FAD C . 3.96 0.00 -8.95
O2P FAD C . 2.70 -1.71 -7.55
O3P FAD C . 1.38 0.08 -8.63
P GP7 D . 12.74 6.32 25.54
C1 GP7 D . 10.23 6.88 24.70
C2 GP7 D . 9.88 5.43 24.41
O2 GP7 D . 8.90 5.42 23.37
C3 GP7 D . 9.32 4.74 25.65
O3 GP7 D . 8.83 3.43 25.30
C11 GP7 D . 9.05 2.27 26.15
O11 GP7 D . 8.63 2.26 27.29
C12 GP7 D . 9.76 1.05 25.60
C13 GP7 D . 8.82 -0.13 25.69
C14 GP7 D . 9.51 -1.46 25.36
C15 GP7 D . 8.46 -2.55 25.15
C16 GP7 D . 9.01 -3.79 24.46
C17 GP7 D . 7.97 -4.90 24.48
C18 GP7 D . 7.52 -5.39 23.10
C19 GP7 D . 6.11 -5.94 23.14
O1P GP7 D . 13.08 6.35 24.06
C20 GP7 D . 5.41 -5.72 21.81
C21 GP7 D . 4.14 -4.89 21.95
C22 GP7 D . 2.91 -5.70 21.58
C23 GP7 D . 1.81 -4.82 21.01
C24 GP7 D . 0.55 -4.84 21.88
C25 GP7 D . -0.27 -6.10 21.66
O2P GP7 D . 13.65 7.16 26.40
C31 GP7 D . 9.14 4.45 22.31
O31 GP7 D . 9.72 4.82 21.30
C32 GP7 D . 8.65 3.03 22.49
C33 GP7 D . 8.31 2.35 21.17
C34 GP7 D . 7.08 2.97 20.52
C35 GP7 D . 6.52 2.02 19.47
C36 GP7 D . 5.00 1.92 19.60
C37 GP7 D . 4.39 1.12 18.47
C38 GP7 D . 3.76 -0.17 18.99
C39 GP7 D . 2.78 -0.75 17.98
O3P GP7 D . 11.28 7.01 25.67
C40 GP7 D . 2.38 -2.17 18.35
C41 GP7 D . 1.02 -2.55 17.75
C42 GP7 D . 1.09 -2.69 16.23
C43 GP7 D . 0.13 -3.77 15.76
C44 GP7 D . 0.47 -4.15 14.31
C45 GP7 D . -0.76 -4.57 13.53
C46 GP7 D . -0.39 -5.08 12.15
O4P GP7 D . 12.49 4.94 26.09
#